data_1FG7
#
_entry.id   1FG7
#
_cell.length_a   132.168
_cell.length_b   62.575
_cell.length_c   45.284
_cell.angle_alpha   90.00
_cell.angle_beta   104.14
_cell.angle_gamma   90.00
#
_symmetry.space_group_name_H-M   'C 1 2 1'
#
loop_
_entity.id
_entity.type
_entity.pdbx_description
1 polymer 'HISTIDINOL PHOSPHATE AMINOTRANSFERASE'
2 non-polymer "4'-DEOXY-4'-AMINOPYRIDOXAL-5'-PHOSPHATE"
3 water water
#
_entity_poly.entity_id   1
_entity_poly.type   'polypeptide(L)'
_entity_poly.pdbx_seq_one_letter_code
;(MSE)STVTITDLARENVRNLTPYQSARRLGGNGDVWLNANEYPTAVEFQLTQQTLNRYPECQPKAVIENYAQYAGVKPE
QVLVSRGADEGIELLIRAFCEPGKDAILYCPPTYG(MSE)YSVSAETIGVECRTVPTLDNWQLDLQGISDKLDGVKVVYV
CSPNNPTGQLINPQDFRTLLELTRGKAIVVADEAYIEFCPQASLAGWLAEYPHLAILRTLSKAFALAGLRCGFTLANEEV
INLL(MSE)KVIAPYPLSTPVADIAAQALSPQGIVA(MSE)RERVAQIIAEREYLIAALKEIPCVEQVFDSETNYILARF
KASSAVFKSLWDQGIILRDQNKQPSLSGCLRITVGTREESQRVIDALRAEQV
;
_entity_poly.pdbx_strand_id   A
#
loop_
_chem_comp.id
_chem_comp.type
_chem_comp.name
_chem_comp.formula
PMP non-polymer 4'-DEOXY-4'-AMINOPYRIDOXAL-5'-PHOSPHATE 'C8 H13 N2 O5 P'
#
# COMPACT_ATOMS: atom_id res chain seq x y z
N THR A 3 32.56 11.49 -27.91
CA THR A 3 32.14 12.21 -26.67
C THR A 3 31.18 11.36 -25.84
N VAL A 4 31.41 11.38 -24.52
CA VAL A 4 30.57 10.63 -23.59
C VAL A 4 29.61 11.58 -22.88
N THR A 5 28.33 11.24 -22.87
CA THR A 5 27.32 12.06 -22.22
C THR A 5 27.15 11.64 -20.78
N ILE A 6 26.45 12.46 -20.01
CA ILE A 6 26.20 12.16 -18.61
C ILE A 6 25.32 10.92 -18.56
N THR A 7 24.40 10.82 -19.51
CA THR A 7 23.49 9.69 -19.58
C THR A 7 24.25 8.38 -19.79
N ASP A 8 25.37 8.45 -20.51
CA ASP A 8 26.18 7.26 -20.77
C ASP A 8 26.80 6.74 -19.47
N LEU A 9 26.95 7.62 -18.49
CA LEU A 9 27.54 7.24 -17.21
C LEU A 9 26.54 6.60 -16.26
N ALA A 10 25.25 6.81 -16.51
CA ALA A 10 24.21 6.25 -15.66
C ALA A 10 24.15 4.73 -15.84
N ARG A 11 23.62 4.04 -14.83
CA ARG A 11 23.48 2.60 -14.90
C ARG A 11 22.50 2.25 -16.01
N GLU A 12 22.71 1.10 -16.64
CA GLU A 12 21.85 0.65 -17.72
C GLU A 12 20.39 0.51 -17.26
N ASN A 13 20.19 -0.10 -16.08
CA ASN A 13 18.83 -0.28 -15.58
C ASN A 13 18.14 1.05 -15.30
N VAL A 14 18.92 2.04 -14.86
CA VAL A 14 18.37 3.36 -14.57
C VAL A 14 17.95 4.08 -15.85
N ARG A 15 18.75 3.94 -16.90
CA ARG A 15 18.43 4.56 -18.17
C ARG A 15 17.16 3.97 -18.79
N ASN A 16 17.00 2.66 -18.66
CA ASN A 16 15.85 1.96 -19.23
C ASN A 16 14.56 1.89 -18.41
N LEU A 17 14.65 2.13 -17.11
CA LEU A 17 13.45 2.04 -16.28
C LEU A 17 12.47 3.19 -16.46
N THR A 18 11.21 2.91 -16.13
CA THR A 18 10.15 3.91 -16.20
C THR A 18 9.73 4.18 -14.76
N PRO A 19 9.89 5.44 -14.30
CA PRO A 19 9.51 5.82 -12.93
C PRO A 19 8.05 5.51 -12.59
N TYR A 20 7.81 5.11 -11.34
CA TYR A 20 6.48 4.78 -10.88
C TYR A 20 5.43 5.83 -11.25
N GLN A 21 4.30 5.36 -11.78
CA GLN A 21 3.22 6.24 -12.18
C GLN A 21 2.27 6.52 -11.02
N SER A 22 2.68 7.44 -10.13
CA SER A 22 1.84 7.81 -9.00
C SER A 22 1.06 9.04 -9.42
N ALA A 23 1.80 10.04 -9.91
CA ALA A 23 1.23 11.31 -10.33
C ALA A 23 0.19 11.22 -11.44
N ARG A 24 -0.76 12.14 -11.38
CA ARG A 24 -1.87 12.24 -12.33
C ARG A 24 -2.66 13.45 -11.85
N ARG A 25 -2.00 14.60 -11.86
CA ARG A 25 -2.60 15.83 -11.39
C ARG A 25 -3.24 16.73 -12.44
N LEU A 26 -3.99 17.71 -11.94
CA LEU A 26 -4.68 18.70 -12.74
C LEU A 26 -5.16 19.74 -11.73
N GLY A 27 -4.19 20.33 -11.04
CA GLY A 27 -4.45 21.34 -10.00
C GLY A 27 -5.56 22.33 -10.38
N GLY A 28 -6.41 22.63 -9.41
CA GLY A 28 -7.51 23.57 -9.61
C GLY A 28 -8.46 23.17 -10.73
N ASN A 29 -8.30 21.94 -11.22
CA ASN A 29 -9.17 21.45 -12.29
C ASN A 29 -10.14 20.41 -11.72
N GLY A 30 -9.62 19.53 -10.87
CA GLY A 30 -10.44 18.51 -10.26
C GLY A 30 -10.88 18.93 -8.86
N ASP A 31 -12.14 18.66 -8.54
CA ASP A 31 -12.68 19.00 -7.23
C ASP A 31 -12.96 17.76 -6.39
N VAL A 32 -13.06 16.61 -7.05
CA VAL A 32 -13.31 15.35 -6.36
C VAL A 32 -12.13 14.40 -6.57
N TRP A 33 -11.29 14.26 -5.56
CA TRP A 33 -10.12 13.39 -5.65
C TRP A 33 -10.35 12.04 -4.97
N LEU A 34 -10.51 11.01 -5.79
CA LEU A 34 -10.75 9.65 -5.31
C LEU A 34 -9.82 8.73 -6.09
N ASN A 35 -8.56 9.16 -6.21
CA ASN A 35 -7.56 8.44 -6.99
C ASN A 35 -6.32 7.94 -6.25
N ALA A 36 -6.18 8.29 -4.98
CA ALA A 36 -4.98 7.88 -4.23
C ALA A 36 -5.23 7.17 -2.90
N ASN A 37 -6.46 6.75 -2.67
CA ASN A 37 -6.84 6.05 -1.45
C ASN A 37 -6.55 6.83 -0.18
N GLU A 38 -6.68 8.15 -0.27
CA GLU A 38 -6.47 9.02 0.89
C GLU A 38 -7.78 9.18 1.65
N TYR A 39 -7.69 9.40 2.95
CA TYR A 39 -8.89 9.66 3.74
C TYR A 39 -9.32 11.01 3.14
N PRO A 40 -10.64 11.19 2.92
CA PRO A 40 -11.16 12.43 2.32
C PRO A 40 -11.06 13.77 3.03
N THR A 41 -10.92 13.76 4.34
CA THR A 41 -10.89 15.01 5.09
C THR A 41 -9.63 15.17 5.92
N ALA A 42 -9.16 16.41 6.02
CA ALA A 42 -7.96 16.69 6.80
C ALA A 42 -8.20 16.61 8.29
N VAL A 43 -7.23 16.02 9.00
CA VAL A 43 -7.27 15.91 10.44
C VAL A 43 -6.08 16.78 10.84
N GLU A 44 -6.35 17.85 11.57
CA GLU A 44 -5.31 18.79 11.95
C GLU A 44 -4.39 18.40 13.10
N PHE A 45 -3.11 18.72 12.91
CA PHE A 45 -2.07 18.47 13.90
C PHE A 45 -1.11 19.65 13.90
N GLN A 46 -0.65 20.03 15.08
CA GLN A 46 0.28 21.14 15.23
C GLN A 46 1.56 20.61 15.87
N LEU A 47 2.67 21.30 15.63
CA LEU A 47 3.94 20.90 16.20
C LEU A 47 3.96 21.24 17.69
N THR A 48 4.59 20.38 18.48
CA THR A 48 4.70 20.58 19.92
C THR A 48 6.16 20.58 20.36
N GLN A 49 7.04 20.14 19.46
CA GLN A 49 8.46 20.07 19.76
C GLN A 49 9.31 21.03 18.94
N GLN A 50 9.67 22.17 19.53
CA GLN A 50 10.49 23.15 18.83
C GLN A 50 11.97 22.89 19.11
N THR A 51 12.46 21.80 18.55
CA THR A 51 13.86 21.38 18.70
C THR A 51 14.46 21.14 17.34
N LEU A 52 13.93 21.82 16.32
CA LEU A 52 14.36 21.60 14.94
C LEU A 52 15.83 21.83 14.61
N ASN A 53 16.58 22.47 15.50
CA ASN A 53 17.99 22.71 15.24
C ASN A 53 18.79 21.44 15.54
N ARG A 54 18.18 20.51 16.25
CA ARG A 54 18.83 19.26 16.64
C ARG A 54 18.36 18.07 15.81
N TYR A 55 19.26 17.13 15.57
CA TYR A 55 18.91 15.93 14.82
C TYR A 55 17.93 15.11 15.65
N PRO A 56 17.04 14.37 14.97
CA PRO A 56 16.07 13.54 15.69
C PRO A 56 16.72 12.19 16.02
N GLU A 57 15.96 11.32 16.67
CA GLU A 57 16.45 9.98 17.00
C GLU A 57 16.32 9.19 15.70
N CYS A 58 17.12 8.16 15.49
CA CYS A 58 16.99 7.38 14.25
C CYS A 58 15.61 6.75 14.24
N GLN A 59 15.18 6.26 15.40
CA GLN A 59 13.88 5.64 15.56
C GLN A 59 13.19 6.25 16.78
N PRO A 60 12.50 7.38 16.58
CA PRO A 60 11.79 8.10 17.64
C PRO A 60 11.04 7.14 18.57
N LYS A 61 11.50 7.08 19.82
CA LYS A 61 10.94 6.19 20.82
C LYS A 61 9.43 6.27 21.03
N ALA A 62 8.90 7.48 21.10
CA ALA A 62 7.46 7.64 21.30
C ALA A 62 6.66 7.07 20.15
N VAL A 63 7.17 7.23 18.93
CA VAL A 63 6.48 6.71 17.75
C VAL A 63 6.51 5.18 17.75
N ILE A 64 7.68 4.62 17.99
CA ILE A 64 7.85 3.17 18.03
C ILE A 64 6.99 2.54 19.11
N GLU A 65 7.03 3.11 20.31
CA GLU A 65 6.26 2.55 21.41
C GLU A 65 4.76 2.69 21.23
N ASN A 66 4.33 3.85 20.74
CA ASN A 66 2.90 4.07 20.52
C ASN A 66 2.38 3.14 19.43
N TYR A 67 3.18 2.93 18.39
CA TYR A 67 2.72 2.03 17.34
C TYR A 67 2.71 0.58 17.81
N ALA A 68 3.73 0.19 18.55
CA ALA A 68 3.82 -1.18 19.06
C ALA A 68 2.60 -1.47 19.94
N GLN A 69 2.23 -0.52 20.79
CA GLN A 69 1.08 -0.65 21.67
C GLN A 69 -0.19 -0.84 20.84
N TYR A 70 -0.32 0.00 19.82
CA TYR A 70 -1.48 -0.06 18.93
C TYR A 70 -1.55 -1.37 18.15
N ALA A 71 -0.43 -1.80 17.59
CA ALA A 71 -0.38 -3.02 16.79
C ALA A 71 -0.38 -4.32 17.57
N GLY A 72 -0.12 -4.24 18.87
CA GLY A 72 -0.13 -5.43 19.70
C GLY A 72 1.13 -6.26 19.57
N VAL A 73 2.24 -5.61 19.24
CA VAL A 73 3.51 -6.30 19.09
C VAL A 73 4.53 -5.65 20.04
N LYS A 74 5.71 -6.25 20.13
CA LYS A 74 6.76 -5.74 21.00
C LYS A 74 7.48 -4.58 20.32
N PRO A 75 7.98 -3.62 21.11
CA PRO A 75 8.68 -2.49 20.48
C PRO A 75 9.86 -2.92 19.63
N GLU A 76 10.53 -4.00 20.04
CA GLU A 76 11.68 -4.49 19.30
C GLU A 76 11.30 -5.12 17.96
N GLN A 77 10.00 -5.24 17.72
CA GLN A 77 9.51 -5.83 16.48
C GLN A 77 8.98 -4.77 15.54
N VAL A 78 9.32 -3.52 15.83
CA VAL A 78 8.86 -2.40 15.02
C VAL A 78 9.97 -1.50 14.49
N LEU A 79 9.82 -1.10 13.23
CA LEU A 79 10.76 -0.20 12.58
C LEU A 79 9.88 0.88 11.93
N VAL A 80 10.31 2.13 12.04
CA VAL A 80 9.55 3.23 11.43
C VAL A 80 10.37 3.79 10.27
N SER A 81 9.70 4.08 9.15
CA SER A 81 10.38 4.58 7.97
C SER A 81 9.54 5.63 7.26
N ARG A 82 10.05 6.12 6.14
CA ARG A 82 9.32 7.11 5.35
C ARG A 82 8.28 6.35 4.54
N GLY A 83 7.16 6.06 5.20
CA GLY A 83 6.08 5.32 4.57
C GLY A 83 6.40 3.86 4.35
N ALA A 84 5.39 3.10 3.95
CA ALA A 84 5.56 1.68 3.67
C ALA A 84 6.44 1.58 2.42
N ASP A 85 6.48 2.64 1.62
CA ASP A 85 7.32 2.65 0.44
C ASP A 85 8.77 2.37 0.82
N GLU A 86 9.25 3.01 1.88
CA GLU A 86 10.63 2.78 2.28
C GLU A 86 10.81 1.39 2.86
N GLY A 87 9.78 0.87 3.52
CA GLY A 87 9.86 -0.48 4.07
C GLY A 87 10.08 -1.46 2.93
N ILE A 88 9.40 -1.25 1.81
CA ILE A 88 9.55 -2.11 0.65
C ILE A 88 11.03 -2.11 0.21
N GLU A 89 11.61 -0.91 0.14
CA GLU A 89 13.01 -0.72 -0.26
C GLU A 89 13.98 -1.41 0.70
N LEU A 90 13.78 -1.18 2.00
CA LEU A 90 14.67 -1.76 3.00
C LEU A 90 14.77 -3.28 2.93
N LEU A 91 13.65 -3.94 2.69
CA LEU A 91 13.64 -5.40 2.61
C LEU A 91 14.48 -5.91 1.44
N ILE A 92 14.40 -5.24 0.29
CA ILE A 92 15.19 -5.65 -0.86
C ILE A 92 16.67 -5.33 -0.61
N ARG A 93 16.90 -4.16 -0.03
CA ARG A 93 18.24 -3.67 0.29
C ARG A 93 18.99 -4.60 1.25
N ALA A 94 18.26 -5.24 2.15
CA ALA A 94 18.88 -6.13 3.14
C ALA A 94 18.99 -7.59 2.72
N PHE A 95 18.02 -8.07 1.96
CA PHE A 95 18.02 -9.48 1.58
C PHE A 95 18.29 -9.88 0.12
N CYS A 96 18.23 -8.93 -0.79
CA CYS A 96 18.43 -9.25 -2.21
C CYS A 96 19.73 -8.76 -2.81
N GLU A 97 20.61 -9.69 -3.17
CA GLU A 97 21.88 -9.33 -3.78
C GLU A 97 21.61 -8.95 -5.24
N PRO A 98 21.92 -7.70 -5.62
CA PRO A 98 21.68 -7.27 -6.99
C PRO A 98 22.35 -8.18 -8.03
N GLY A 99 21.58 -8.57 -9.05
CA GLY A 99 22.11 -9.43 -10.09
C GLY A 99 22.19 -10.90 -9.73
N LYS A 100 21.76 -11.25 -8.52
CA LYS A 100 21.80 -12.63 -8.08
C LYS A 100 20.44 -13.10 -7.56
N ASP A 101 19.89 -12.36 -6.60
CA ASP A 101 18.61 -12.70 -6.00
C ASP A 101 17.46 -11.99 -6.66
N ALA A 102 16.25 -12.47 -6.39
CA ALA A 102 15.06 -11.88 -6.97
C ALA A 102 13.96 -11.71 -5.93
N ILE A 103 12.95 -10.92 -6.29
CA ILE A 103 11.79 -10.75 -5.44
C ILE A 103 10.67 -11.40 -6.24
N LEU A 104 9.55 -11.66 -5.58
CA LEU A 104 8.44 -12.27 -6.27
C LEU A 104 7.16 -11.58 -5.80
N TYR A 105 6.31 -11.24 -6.76
CA TYR A 105 5.03 -10.63 -6.45
C TYR A 105 4.01 -11.20 -7.43
N CYS A 106 2.74 -10.93 -7.16
CA CYS A 106 1.67 -11.51 -7.96
C CYS A 106 0.67 -10.51 -8.51
N PRO A 107 0.84 -10.10 -9.78
CA PRO A 107 -0.04 -9.13 -10.44
C PRO A 107 -1.48 -9.63 -10.58
N PRO A 108 -2.45 -8.71 -10.58
CA PRO A 108 -2.27 -7.26 -10.47
C PRO A 108 -2.15 -6.83 -9.01
N THR A 109 -1.16 -6.00 -8.72
CA THR A 109 -0.98 -5.54 -7.34
C THR A 109 -0.22 -4.21 -7.30
N TYR A 110 0.14 -3.77 -6.09
CA TYR A 110 0.85 -2.52 -5.91
C TYR A 110 2.12 -2.49 -6.76
N GLY A 111 2.34 -1.38 -7.44
CA GLY A 111 3.48 -1.26 -8.33
C GLY A 111 4.87 -0.97 -7.78
N MSE A 112 4.97 -0.54 -6.53
CA MSE A 112 6.30 -0.22 -6.00
C MSE A 112 7.23 -1.39 -5.69
O MSE A 112 8.44 -1.19 -5.57
CB MSE A 112 6.18 0.70 -4.78
CG MSE A 112 5.75 2.13 -5.12
SE MSE A 112 6.81 3.00 -6.34
CE MSE A 112 8.22 3.38 -5.33
N TYR A 113 6.70 -2.60 -5.56
CA TYR A 113 7.57 -3.73 -5.30
C TYR A 113 8.50 -3.86 -6.49
N SER A 114 7.91 -3.85 -7.68
CA SER A 114 8.66 -3.96 -8.93
C SER A 114 9.55 -2.76 -9.18
N VAL A 115 9.04 -1.57 -8.91
CA VAL A 115 9.82 -0.35 -9.13
C VAL A 115 11.08 -0.34 -8.27
N SER A 116 10.94 -0.70 -6.99
CA SER A 116 12.08 -0.71 -6.10
C SER A 116 13.11 -1.74 -6.55
N ALA A 117 12.65 -2.96 -6.84
CA ALA A 117 13.57 -4.01 -7.28
C ALA A 117 14.27 -3.61 -8.59
N GLU A 118 13.50 -3.11 -9.56
CA GLU A 118 14.09 -2.73 -10.84
C GLU A 118 15.12 -1.62 -10.70
N THR A 119 14.84 -0.67 -9.81
CA THR A 119 15.73 0.47 -9.59
C THR A 119 17.01 0.03 -8.88
N ILE A 120 16.87 -0.85 -7.90
CA ILE A 120 18.02 -1.36 -7.17
C ILE A 120 18.86 -2.28 -8.07
N GLY A 121 18.17 -3.02 -8.94
CA GLY A 121 18.83 -3.95 -9.85
C GLY A 121 18.64 -5.39 -9.44
N VAL A 122 17.43 -5.71 -8.98
CA VAL A 122 17.09 -7.06 -8.54
C VAL A 122 15.99 -7.61 -9.43
N GLU A 123 16.15 -8.88 -9.83
CA GLU A 123 15.18 -9.53 -10.70
C GLU A 123 13.79 -9.52 -10.11
N CYS A 124 12.81 -9.34 -10.98
CA CYS A 124 11.41 -9.33 -10.60
C CYS A 124 10.77 -10.59 -11.12
N ARG A 125 10.36 -11.46 -10.22
CA ARG A 125 9.70 -12.68 -10.63
C ARG A 125 8.22 -12.48 -10.38
N THR A 126 7.42 -12.81 -11.37
CA THR A 126 5.99 -12.64 -11.22
C THR A 126 5.19 -13.91 -11.42
N VAL A 127 4.17 -14.07 -10.57
CA VAL A 127 3.24 -15.19 -10.64
C VAL A 127 1.87 -14.56 -10.44
N PRO A 128 1.18 -14.26 -11.56
CA PRO A 128 -0.15 -13.66 -11.48
C PRO A 128 -1.08 -14.42 -10.56
N THR A 129 -1.95 -13.71 -9.86
CA THR A 129 -2.90 -14.36 -8.97
C THR A 129 -3.94 -15.06 -9.85
N LEU A 130 -4.78 -15.89 -9.24
CA LEU A 130 -5.81 -16.62 -9.95
C LEU A 130 -6.91 -15.68 -10.43
N ASP A 131 -7.95 -16.24 -11.05
CA ASP A 131 -9.05 -15.42 -11.55
C ASP A 131 -9.70 -14.57 -10.48
N ASN A 132 -9.80 -15.11 -9.26
CA ASN A 132 -10.42 -14.37 -8.16
C ASN A 132 -9.37 -13.62 -7.34
N TRP A 133 -8.19 -13.49 -7.92
CA TRP A 133 -7.06 -12.78 -7.31
C TRP A 133 -6.46 -13.43 -6.06
N GLN A 134 -6.75 -14.70 -5.86
CA GLN A 134 -6.17 -15.44 -4.74
C GLN A 134 -4.82 -15.94 -5.26
N LEU A 135 -3.95 -16.36 -4.36
CA LEU A 135 -2.62 -16.80 -4.76
C LEU A 135 -2.54 -18.08 -5.58
N ASP A 136 -1.70 -18.06 -6.61
CA ASP A 136 -1.49 -19.25 -7.42
C ASP A 136 -0.35 -19.96 -6.71
N LEU A 137 -0.70 -20.70 -5.64
CA LEU A 137 0.29 -21.40 -4.84
C LEU A 137 1.16 -22.40 -5.60
N GLN A 138 0.56 -23.15 -6.50
CA GLN A 138 1.34 -24.11 -7.26
C GLN A 138 2.35 -23.36 -8.13
N GLY A 139 1.91 -22.25 -8.72
CA GLY A 139 2.79 -21.46 -9.56
C GLY A 139 3.96 -20.90 -8.78
N ILE A 140 3.67 -20.39 -7.59
CA ILE A 140 4.69 -19.83 -6.72
C ILE A 140 5.69 -20.91 -6.29
N SER A 141 5.18 -22.08 -5.94
CA SER A 141 6.02 -23.19 -5.48
C SER A 141 7.09 -23.59 -6.47
N ASP A 142 6.82 -23.41 -7.76
CA ASP A 142 7.78 -23.79 -8.79
C ASP A 142 8.63 -22.63 -9.30
N LYS A 143 8.48 -21.46 -8.70
CA LYS A 143 9.25 -20.29 -9.14
C LYS A 143 9.97 -19.56 -8.00
N LEU A 144 10.34 -20.29 -6.96
CA LEU A 144 11.00 -19.70 -5.81
C LEU A 144 12.54 -19.72 -5.82
N ASP A 145 13.14 -20.39 -6.81
CA ASP A 145 14.60 -20.47 -6.88
C ASP A 145 15.25 -19.12 -7.07
N GLY A 146 16.03 -18.69 -6.09
CA GLY A 146 16.71 -17.41 -6.18
C GLY A 146 15.92 -16.27 -5.58
N VAL A 147 14.68 -16.55 -5.19
CA VAL A 147 13.83 -15.54 -4.59
C VAL A 147 14.20 -15.37 -3.12
N LYS A 148 14.38 -14.12 -2.71
CA LYS A 148 14.74 -13.81 -1.33
C LYS A 148 13.62 -13.08 -0.58
N VAL A 149 12.75 -12.40 -1.33
CA VAL A 149 11.64 -11.68 -0.73
C VAL A 149 10.38 -11.83 -1.58
N VAL A 150 9.28 -12.16 -0.93
CA VAL A 150 7.99 -12.32 -1.60
C VAL A 150 7.03 -11.29 -1.02
N TYR A 151 6.44 -10.48 -1.89
CA TYR A 151 5.48 -9.47 -1.43
C TYR A 151 4.06 -9.89 -1.77
N VAL A 152 3.19 -9.84 -0.77
CA VAL A 152 1.78 -10.17 -0.97
C VAL A 152 0.96 -9.11 -0.26
N CYS A 153 0.16 -8.38 -1.04
CA CYS A 153 -0.68 -7.32 -0.51
C CYS A 153 -2.03 -7.90 -0.09
N SER A 154 -2.37 -7.75 1.18
CA SER A 154 -3.63 -8.27 1.70
C SER A 154 -4.15 -7.40 2.83
N PRO A 155 -5.31 -6.74 2.61
CA PRO A 155 -6.11 -6.78 1.38
C PRO A 155 -5.35 -6.21 0.19
N ASN A 156 -5.63 -6.74 -1.00
CA ASN A 156 -4.92 -6.31 -2.19
C ASN A 156 -5.35 -5.00 -2.81
N ASN A 157 -4.35 -4.27 -3.31
CA ASN A 157 -4.57 -3.01 -4.02
C ASN A 157 -4.13 -3.43 -5.41
N PRO A 158 -4.94 -3.15 -6.44
CA PRO A 158 -6.24 -2.49 -6.49
C PRO A 158 -7.53 -3.30 -6.42
N THR A 159 -7.44 -4.63 -6.31
CA THR A 159 -8.64 -5.45 -6.33
C THR A 159 -9.55 -5.39 -5.10
N GLY A 160 -8.95 -5.13 -3.93
CA GLY A 160 -9.72 -4.97 -2.70
C GLY A 160 -9.99 -6.13 -1.77
N GLN A 161 -9.75 -7.36 -2.22
CA GLN A 161 -10.04 -8.52 -1.39
C GLN A 161 -8.89 -9.00 -0.52
N LEU A 162 -9.23 -9.77 0.51
CA LEU A 162 -8.25 -10.33 1.41
C LEU A 162 -7.72 -11.64 0.84
N ILE A 163 -6.46 -11.94 1.12
CA ILE A 163 -5.87 -13.19 0.67
C ILE A 163 -6.28 -14.21 1.75
N ASN A 164 -6.74 -15.38 1.31
CA ASN A 164 -7.15 -16.42 2.26
C ASN A 164 -5.99 -16.72 3.20
N PRO A 165 -6.20 -16.60 4.51
CA PRO A 165 -5.08 -16.88 5.44
C PRO A 165 -4.57 -18.31 5.29
N GLN A 166 -5.45 -19.23 4.93
CA GLN A 166 -5.05 -20.62 4.75
C GLN A 166 -3.96 -20.70 3.69
N ASP A 167 -4.01 -19.79 2.72
CA ASP A 167 -3.01 -19.79 1.66
C ASP A 167 -1.73 -19.07 2.08
N PHE A 168 -1.84 -18.16 3.05
CA PHE A 168 -0.65 -17.48 3.55
C PHE A 168 0.13 -18.54 4.33
N ARG A 169 -0.58 -19.44 5.01
CA ARG A 169 0.06 -20.52 5.76
C ARG A 169 0.93 -21.31 4.80
N THR A 170 0.37 -21.64 3.63
CA THR A 170 1.10 -22.41 2.63
C THR A 170 2.30 -21.65 2.09
N LEU A 171 2.10 -20.37 1.77
CA LEU A 171 3.20 -19.55 1.26
C LEU A 171 4.32 -19.47 2.29
N LEU A 172 3.96 -19.36 3.56
CA LEU A 172 4.95 -19.28 4.62
C LEU A 172 5.74 -20.58 4.74
N GLU A 173 5.08 -21.71 4.50
CA GLU A 173 5.79 -22.99 4.58
C GLU A 173 6.73 -23.15 3.38
N LEU A 174 6.24 -22.78 2.20
CA LEU A 174 7.03 -22.87 0.99
C LEU A 174 8.32 -22.06 1.08
N THR A 175 8.26 -20.93 1.78
CA THR A 175 9.39 -20.02 1.91
C THR A 175 10.25 -20.20 3.16
N ARG A 176 9.86 -21.10 4.05
CA ARG A 176 10.61 -21.32 5.27
C ARG A 176 12.08 -21.60 4.95
N GLY A 177 12.98 -20.80 5.51
CA GLY A 177 14.40 -20.98 5.28
C GLY A 177 14.85 -20.64 3.87
N LYS A 178 14.02 -19.91 3.13
CA LYS A 178 14.36 -19.56 1.76
C LYS A 178 14.15 -18.08 1.44
N ALA A 179 13.02 -17.53 1.89
CA ALA A 179 12.73 -16.14 1.61
C ALA A 179 11.86 -15.48 2.66
N ILE A 180 11.93 -14.15 2.69
CA ILE A 180 11.14 -13.37 3.62
C ILE A 180 9.78 -13.15 2.95
N VAL A 181 8.71 -13.38 3.69
CA VAL A 181 7.37 -13.16 3.16
C VAL A 181 6.91 -11.84 3.74
N VAL A 182 6.57 -10.90 2.86
CA VAL A 182 6.12 -9.58 3.30
C VAL A 182 4.65 -9.37 3.02
N ALA A 183 3.88 -9.27 4.09
CA ALA A 183 2.44 -9.04 3.96
C ALA A 183 2.24 -7.53 3.98
N ASP A 184 1.82 -6.98 2.85
CA ASP A 184 1.60 -5.53 2.79
C ASP A 184 0.22 -5.25 3.36
N GLU A 185 0.21 -4.68 4.56
CA GLU A 185 -1.05 -4.38 5.25
C GLU A 185 -1.37 -2.90 5.28
N ALA A 186 -1.08 -2.22 4.17
CA ALA A 186 -1.34 -0.80 4.05
C ALA A 186 -2.82 -0.49 4.33
N TYR A 187 -3.70 -1.44 4.05
CA TYR A 187 -5.13 -1.22 4.27
C TYR A 187 -5.77 -2.11 5.32
N ILE A 188 -4.95 -2.74 6.16
CA ILE A 188 -5.46 -3.65 7.17
C ILE A 188 -6.34 -2.99 8.22
N GLU A 189 -6.21 -1.68 8.40
CA GLU A 189 -7.04 -0.98 9.38
C GLU A 189 -8.52 -1.12 9.06
N PHE A 190 -8.87 -1.35 7.79
CA PHE A 190 -10.28 -1.49 7.43
C PHE A 190 -10.84 -2.88 7.67
N CYS A 191 -9.96 -3.82 8.03
CA CYS A 191 -10.34 -5.20 8.32
C CYS A 191 -9.25 -5.72 9.26
N PRO A 192 -9.08 -5.06 10.41
CA PRO A 192 -8.08 -5.40 11.42
C PRO A 192 -7.97 -6.85 11.87
N GLN A 193 -9.10 -7.54 11.94
CA GLN A 193 -9.10 -8.93 12.39
C GLN A 193 -8.34 -9.86 11.44
N ALA A 194 -8.10 -9.39 10.22
CA ALA A 194 -7.41 -10.19 9.21
C ALA A 194 -5.89 -10.02 9.19
N SER A 195 -5.36 -9.21 10.09
CA SER A 195 -3.92 -8.99 10.14
C SER A 195 -3.13 -10.24 10.50
N LEU A 196 -1.90 -10.31 10.02
CA LEU A 196 -1.02 -11.44 10.30
C LEU A 196 -0.04 -11.06 11.40
N ALA A 197 -0.20 -9.88 11.99
CA ALA A 197 0.70 -9.42 13.04
C ALA A 197 0.86 -10.41 14.19
N GLY A 198 -0.22 -11.12 14.53
CA GLY A 198 -0.16 -12.07 15.61
C GLY A 198 0.50 -13.40 15.26
N TRP A 199 0.97 -13.52 14.02
CA TRP A 199 1.61 -14.74 13.54
C TRP A 199 3.14 -14.70 13.66
N LEU A 200 3.69 -13.57 14.09
CA LEU A 200 5.14 -13.44 14.17
C LEU A 200 5.89 -14.54 14.94
N ALA A 201 5.35 -14.97 16.08
CA ALA A 201 6.01 -15.98 16.88
C ALA A 201 6.11 -17.34 16.18
N GLU A 202 5.29 -17.54 15.16
CA GLU A 202 5.29 -18.81 14.42
C GLU A 202 6.15 -18.79 13.17
N TYR A 203 6.38 -17.61 12.60
CA TYR A 203 7.17 -17.50 11.38
C TYR A 203 8.31 -16.50 11.46
N PRO A 204 9.54 -16.99 11.57
CA PRO A 204 10.73 -16.13 11.66
C PRO A 204 10.93 -15.25 10.42
N HIS A 205 10.41 -15.71 9.28
CA HIS A 205 10.58 -14.97 8.02
C HIS A 205 9.40 -14.10 7.60
N LEU A 206 8.47 -13.85 8.51
CA LEU A 206 7.31 -13.02 8.20
C LEU A 206 7.56 -11.56 8.57
N ALA A 207 7.27 -10.67 7.61
CA ALA A 207 7.40 -9.23 7.81
C ALA A 207 6.08 -8.60 7.39
N ILE A 208 5.72 -7.49 8.02
CA ILE A 208 4.46 -6.82 7.72
C ILE A 208 4.66 -5.32 7.48
N LEU A 209 4.07 -4.81 6.42
CA LEU A 209 4.16 -3.39 6.09
C LEU A 209 2.90 -2.67 6.56
N ARG A 210 3.09 -1.55 7.27
CA ARG A 210 1.97 -0.76 7.77
C ARG A 210 2.20 0.69 7.39
N THR A 211 1.14 1.49 7.40
CA THR A 211 1.26 2.90 7.04
C THR A 211 0.29 3.81 7.79
N LEU A 212 0.59 5.10 7.82
CA LEU A 212 -0.29 6.06 8.44
C LEU A 212 -0.97 6.88 7.34
N SER A 213 -0.73 6.49 6.09
CA SER A 213 -1.25 7.20 4.93
C SER A 213 -2.73 7.01 4.57
N LYS A 214 -3.32 5.91 5.00
CA LYS A 214 -4.70 5.61 4.63
C LYS A 214 -5.72 5.85 5.74
N ALA A 215 -6.05 4.80 6.49
CA ALA A 215 -7.02 4.92 7.57
C ALA A 215 -6.62 6.02 8.55
N PHE A 216 -5.32 6.15 8.81
CA PHE A 216 -4.87 7.18 9.73
C PHE A 216 -4.95 8.59 9.19
N ALA A 217 -5.21 8.72 7.89
CA ALA A 217 -5.38 10.01 7.24
C ALA A 217 -4.17 10.93 7.35
N LEU A 218 -2.98 10.35 7.25
CA LEU A 218 -1.76 11.14 7.36
C LEU A 218 -0.73 10.85 6.28
N ALA A 219 -1.21 10.72 5.04
CA ALA A 219 -0.34 10.48 3.90
C ALA A 219 0.73 11.57 3.79
N GLY A 220 0.37 12.79 4.18
CA GLY A 220 1.30 13.90 4.12
C GLY A 220 2.49 13.78 5.04
N LEU A 221 2.40 12.88 6.02
CA LEU A 221 3.49 12.70 6.97
C LEU A 221 4.58 11.77 6.45
N ARG A 222 4.25 10.94 5.47
CA ARG A 222 5.20 9.98 4.90
C ARG A 222 5.77 9.15 6.06
N CYS A 223 4.88 8.49 6.78
CA CYS A 223 5.27 7.68 7.93
C CYS A 223 4.68 6.29 7.84
N GLY A 224 5.56 5.29 7.82
CA GLY A 224 5.12 3.90 7.75
C GLY A 224 5.93 3.03 8.69
N PHE A 225 5.56 1.76 8.78
CA PHE A 225 6.24 0.84 9.69
C PHE A 225 6.41 -0.54 9.09
N THR A 226 7.34 -1.28 9.65
CA THR A 226 7.57 -2.66 9.28
C THR A 226 7.54 -3.41 10.59
N LEU A 227 6.72 -4.45 10.64
CA LEU A 227 6.59 -5.28 11.83
C LEU A 227 7.21 -6.62 11.50
N ALA A 228 8.11 -7.08 12.35
CA ALA A 228 8.77 -8.37 12.12
C ALA A 228 9.47 -8.82 13.39
N ASN A 229 9.98 -10.04 13.37
CA ASN A 229 10.70 -10.54 14.53
C ASN A 229 11.97 -9.71 14.66
N GLU A 230 12.47 -9.61 15.89
CA GLU A 230 13.66 -8.81 16.18
C GLU A 230 14.84 -9.03 15.23
N GLU A 231 15.12 -10.29 14.90
CA GLU A 231 16.23 -10.58 14.01
C GLU A 231 16.10 -9.87 12.68
N VAL A 232 14.88 -9.84 12.14
CA VAL A 232 14.64 -9.19 10.87
C VAL A 232 14.73 -7.66 11.02
N ILE A 233 14.09 -7.12 12.04
CA ILE A 233 14.13 -5.70 12.29
C ILE A 233 15.57 -5.21 12.42
N ASN A 234 16.39 -5.93 13.17
CA ASN A 234 17.77 -5.52 13.35
C ASN A 234 18.58 -5.54 12.07
N LEU A 235 18.25 -6.43 11.14
CA LEU A 235 18.96 -6.49 9.87
C LEU A 235 18.55 -5.28 9.02
N LEU A 236 17.25 -4.96 9.05
CA LEU A 236 16.76 -3.81 8.29
C LEU A 236 17.38 -2.55 8.86
N MSE A 237 17.59 -2.53 10.17
CA MSE A 237 18.19 -1.35 10.79
C MSE A 237 19.64 -1.14 10.38
O MSE A 237 20.19 -0.06 10.59
CB MSE A 237 18.06 -1.44 12.33
CG MSE A 237 16.64 -1.17 12.86
SE MSE A 237 16.01 0.50 12.50
CE MSE A 237 17.22 1.48 13.31
N LYS A 238 20.25 -2.16 9.81
CA LYS A 238 21.63 -2.05 9.37
C LYS A 238 21.70 -1.33 8.03
N VAL A 239 20.60 -1.29 7.29
CA VAL A 239 20.60 -0.65 5.98
C VAL A 239 19.80 0.65 5.88
N ILE A 240 19.06 0.99 6.92
CA ILE A 240 18.26 2.22 6.90
C ILE A 240 19.14 3.46 7.09
N ALA A 241 18.67 4.60 6.57
CA ALA A 241 19.40 5.85 6.72
C ALA A 241 19.51 6.17 8.20
N PRO A 242 20.57 6.89 8.61
CA PRO A 242 20.74 7.24 10.02
C PRO A 242 19.62 8.07 10.65
N TYR A 243 19.02 8.97 9.89
CA TYR A 243 17.93 9.80 10.41
C TYR A 243 16.82 9.82 9.38
N PRO A 244 16.04 8.73 9.29
CA PRO A 244 14.94 8.56 8.35
C PRO A 244 13.64 9.32 8.63
N LEU A 245 13.45 9.76 9.87
CA LEU A 245 12.23 10.47 10.22
C LEU A 245 12.51 11.86 10.77
N SER A 246 11.82 12.86 10.23
CA SER A 246 12.00 14.22 10.71
C SER A 246 11.28 14.40 12.02
N THR A 247 11.69 15.39 12.81
CA THR A 247 11.05 15.64 14.08
C THR A 247 9.59 16.05 13.93
N PRO A 248 9.26 16.92 12.97
CA PRO A 248 7.84 17.29 12.83
C PRO A 248 6.97 16.05 12.62
N VAL A 249 7.46 15.10 11.84
CA VAL A 249 6.71 13.88 11.58
C VAL A 249 6.66 12.97 12.81
N ALA A 250 7.78 12.83 13.51
CA ALA A 250 7.80 11.99 14.72
C ALA A 250 6.85 12.59 15.75
N ASP A 251 6.86 13.92 15.83
CA ASP A 251 6.03 14.70 16.74
C ASP A 251 4.55 14.42 16.51
N ILE A 252 4.09 14.71 15.29
CA ILE A 252 2.68 14.51 14.96
C ILE A 252 2.25 13.05 14.85
N ALA A 253 3.14 12.18 14.40
CA ALA A 253 2.81 10.77 14.29
C ALA A 253 2.55 10.19 15.69
N ALA A 254 3.35 10.60 16.65
CA ALA A 254 3.19 10.14 18.02
C ALA A 254 1.83 10.58 18.55
N GLN A 255 1.45 11.82 18.24
CA GLN A 255 0.15 12.35 18.66
C GLN A 255 -0.99 11.54 18.06
N ALA A 256 -0.87 11.20 16.78
CA ALA A 256 -1.89 10.44 16.08
C ALA A 256 -2.01 9.01 16.60
N LEU A 257 -0.95 8.52 17.23
CA LEU A 257 -0.93 7.16 17.76
C LEU A 257 -1.22 7.08 19.25
N SER A 258 -1.64 8.20 19.83
CA SER A 258 -1.99 8.24 21.24
C SER A 258 -3.29 7.46 21.39
N PRO A 259 -3.66 7.08 22.62
CA PRO A 259 -4.91 6.33 22.78
C PRO A 259 -6.10 7.04 22.12
N GLN A 260 -6.16 8.36 22.28
CA GLN A 260 -7.25 9.15 21.70
C GLN A 260 -7.13 9.15 20.18
N GLY A 261 -5.89 9.13 19.70
CA GLY A 261 -5.66 9.11 18.26
C GLY A 261 -6.17 7.82 17.65
N ILE A 262 -6.00 6.72 18.38
CA ILE A 262 -6.46 5.43 17.88
C ILE A 262 -7.98 5.40 17.83
N VAL A 263 -8.62 5.98 18.84
CA VAL A 263 -10.08 6.03 18.87
C VAL A 263 -10.58 6.77 17.63
N ALA A 264 -9.92 7.89 17.31
CA ALA A 264 -10.29 8.69 16.16
C ALA A 264 -10.08 7.92 14.86
N MSE A 265 -8.96 7.20 14.75
CA MSE A 265 -8.69 6.42 13.55
C MSE A 265 -9.78 5.38 13.35
O MSE A 265 -10.25 5.19 12.23
CB MSE A 265 -7.32 5.73 13.65
CG MSE A 265 -6.98 4.78 12.47
SE MSE A 265 -7.73 3.10 12.54
CE MSE A 265 -6.72 2.37 13.86
N ARG A 266 -10.18 4.71 14.43
CA ARG A 266 -11.21 3.69 14.32
C ARG A 266 -12.54 4.30 13.88
N GLU A 267 -12.79 5.54 14.28
CA GLU A 267 -14.01 6.22 13.88
C GLU A 267 -13.91 6.51 12.39
N ARG A 268 -12.72 6.86 11.91
CA ARG A 268 -12.53 7.14 10.49
C ARG A 268 -12.79 5.87 9.68
N VAL A 269 -12.33 4.74 10.19
CA VAL A 269 -12.52 3.46 9.52
C VAL A 269 -14.01 3.12 9.42
N ALA A 270 -14.73 3.25 10.53
CA ALA A 270 -16.15 2.96 10.56
C ALA A 270 -16.87 3.83 9.54
N GLN A 271 -16.49 5.10 9.52
CA GLN A 271 -17.05 6.08 8.60
C GLN A 271 -16.87 5.62 7.15
N ILE A 272 -15.63 5.30 6.79
CA ILE A 272 -15.32 4.87 5.44
C ILE A 272 -16.01 3.56 5.05
N ILE A 273 -16.08 2.61 5.98
CA ILE A 273 -16.73 1.34 5.68
C ILE A 273 -18.20 1.57 5.37
N ALA A 274 -18.87 2.40 6.17
CA ALA A 274 -20.29 2.68 5.94
C ALA A 274 -20.48 3.37 4.59
N GLU A 275 -19.57 4.28 4.25
CA GLU A 275 -19.65 4.99 2.98
C GLU A 275 -19.37 4.04 1.83
N ARG A 276 -18.40 3.15 2.03
CA ARG A 276 -18.04 2.18 1.01
C ARG A 276 -19.22 1.31 0.66
N GLU A 277 -19.94 0.81 1.66
CA GLU A 277 -21.07 -0.05 1.40
C GLU A 277 -22.18 0.69 0.66
N TYR A 278 -22.30 2.00 0.91
CA TYR A 278 -23.30 2.80 0.20
C TYR A 278 -22.93 2.87 -1.27
N LEU A 279 -21.67 3.20 -1.53
CA LEU A 279 -21.20 3.33 -2.90
C LEU A 279 -21.25 2.01 -3.67
N ILE A 280 -20.87 0.92 -3.03
CA ILE A 280 -20.91 -0.38 -3.67
C ILE A 280 -22.34 -0.72 -4.10
N ALA A 281 -23.28 -0.58 -3.17
CA ALA A 281 -24.68 -0.88 -3.47
C ALA A 281 -25.21 -0.02 -4.61
N ALA A 282 -24.85 1.27 -4.60
CA ALA A 282 -25.30 2.19 -5.64
C ALA A 282 -24.69 1.87 -7.00
N LEU A 283 -23.39 1.63 -7.04
CA LEU A 283 -22.69 1.32 -8.29
C LEU A 283 -23.27 0.13 -9.04
N LYS A 284 -23.53 -0.96 -8.33
CA LYS A 284 -24.07 -2.16 -8.95
C LYS A 284 -25.32 -1.95 -9.79
N GLU A 285 -26.08 -0.90 -9.46
CA GLU A 285 -27.32 -0.60 -10.18
C GLU A 285 -27.14 0.31 -11.40
N ILE A 286 -25.98 0.94 -11.52
CA ILE A 286 -25.72 1.84 -12.64
C ILE A 286 -25.49 1.10 -13.95
N PRO A 287 -26.19 1.50 -15.02
CA PRO A 287 -26.09 0.90 -16.35
C PRO A 287 -24.69 0.68 -16.91
N CYS A 288 -23.82 1.69 -16.81
CA CYS A 288 -22.47 1.57 -17.35
C CYS A 288 -21.54 0.70 -16.51
N VAL A 289 -22.02 0.26 -15.35
CA VAL A 289 -21.22 -0.59 -14.46
C VAL A 289 -21.55 -2.06 -14.72
N GLU A 290 -20.55 -2.84 -15.10
CA GLU A 290 -20.74 -4.26 -15.38
C GLU A 290 -20.59 -5.14 -14.15
N GLN A 291 -19.66 -4.78 -13.27
CA GLN A 291 -19.43 -5.56 -12.07
C GLN A 291 -18.64 -4.77 -11.03
N VAL A 292 -19.04 -4.93 -9.76
CA VAL A 292 -18.36 -4.26 -8.66
C VAL A 292 -17.76 -5.38 -7.82
N PHE A 293 -16.46 -5.33 -7.58
CA PHE A 293 -15.80 -6.37 -6.82
C PHE A 293 -15.78 -6.08 -5.33
N ASP A 294 -15.92 -7.14 -4.53
CA ASP A 294 -15.92 -7.04 -3.09
C ASP A 294 -14.68 -6.33 -2.58
N SER A 295 -14.87 -5.53 -1.54
CA SER A 295 -13.76 -4.78 -0.97
C SER A 295 -13.71 -4.79 0.55
N GLU A 296 -12.50 -4.85 1.08
CA GLU A 296 -12.26 -4.82 2.52
C GLU A 296 -11.32 -3.64 2.77
N THR A 297 -11.40 -2.64 1.91
CA THR A 297 -10.53 -1.46 2.00
C THR A 297 -11.30 -0.16 1.88
N ASN A 298 -10.58 0.92 1.54
CA ASN A 298 -11.20 2.22 1.36
C ASN A 298 -11.26 2.58 -0.12
N TYR A 299 -11.35 1.56 -0.97
CA TYR A 299 -11.47 1.75 -2.41
C TYR A 299 -12.25 0.59 -3.00
N ILE A 300 -12.82 0.82 -4.17
CA ILE A 300 -13.64 -0.17 -4.85
C ILE A 300 -13.20 -0.33 -6.30
N LEU A 301 -13.02 -1.57 -6.73
CA LEU A 301 -12.64 -1.84 -8.11
C LEU A 301 -13.94 -2.23 -8.80
N ALA A 302 -14.18 -1.64 -9.97
CA ALA A 302 -15.39 -1.94 -10.73
C ALA A 302 -15.05 -2.01 -12.21
N ARG A 303 -15.73 -2.89 -12.92
CA ARG A 303 -15.51 -3.01 -14.36
C ARG A 303 -16.62 -2.23 -15.04
N PHE A 304 -16.26 -1.43 -16.02
CA PHE A 304 -17.23 -0.61 -16.73
C PHE A 304 -17.30 -0.93 -18.20
N LYS A 305 -18.38 -0.47 -18.82
CA LYS A 305 -18.56 -0.62 -20.26
C LYS A 305 -17.84 0.62 -20.76
N ALA A 306 -16.93 0.44 -21.71
CA ALA A 306 -16.16 1.56 -22.26
C ALA A 306 -15.51 2.34 -21.11
N SER A 307 -14.71 1.64 -20.31
CA SER A 307 -14.05 2.25 -19.15
C SER A 307 -13.22 3.48 -19.46
N SER A 308 -12.49 3.47 -20.58
CA SER A 308 -11.67 4.62 -20.94
C SER A 308 -12.52 5.84 -21.20
N ALA A 309 -13.69 5.64 -21.79
CA ALA A 309 -14.60 6.75 -22.07
C ALA A 309 -15.13 7.28 -20.75
N VAL A 310 -15.50 6.37 -19.86
CA VAL A 310 -16.03 6.74 -18.55
C VAL A 310 -14.99 7.49 -17.74
N PHE A 311 -13.77 6.97 -17.73
CA PHE A 311 -12.68 7.58 -16.98
C PHE A 311 -12.39 9.01 -17.45
N LYS A 312 -12.28 9.19 -18.76
CA LYS A 312 -12.02 10.49 -19.34
C LYS A 312 -13.17 11.46 -19.08
N SER A 313 -14.39 10.95 -19.20
CA SER A 313 -15.59 11.76 -18.98
C SER A 313 -15.62 12.33 -17.56
N LEU A 314 -15.42 11.46 -16.57
CA LEU A 314 -15.42 11.91 -15.18
C LEU A 314 -14.22 12.81 -14.91
N TRP A 315 -13.08 12.46 -15.50
CA TRP A 315 -11.87 13.25 -15.34
C TRP A 315 -12.13 14.70 -15.74
N ASP A 316 -12.73 14.89 -16.91
CA ASP A 316 -13.02 16.24 -17.39
C ASP A 316 -14.05 16.96 -16.53
N GLN A 317 -14.81 16.19 -15.75
CA GLN A 317 -15.83 16.77 -14.87
C GLN A 317 -15.24 17.10 -13.50
N GLY A 318 -13.96 16.81 -13.33
CA GLY A 318 -13.31 17.10 -12.06
C GLY A 318 -13.35 15.93 -11.08
N ILE A 319 -13.79 14.78 -11.56
CA ILE A 319 -13.87 13.58 -10.73
C ILE A 319 -12.70 12.70 -11.11
N ILE A 320 -11.67 12.71 -10.26
CA ILE A 320 -10.44 11.97 -10.50
C ILE A 320 -10.38 10.58 -9.87
N LEU A 321 -10.38 9.56 -10.71
CA LEU A 321 -10.29 8.17 -10.29
C LEU A 321 -8.92 7.62 -10.68
N ARG A 322 -8.76 6.31 -10.53
CA ARG A 322 -7.50 5.65 -10.87
C ARG A 322 -7.76 4.54 -11.90
N ASP A 323 -7.26 4.76 -13.10
CA ASP A 323 -7.42 3.83 -14.22
C ASP A 323 -6.61 2.56 -13.99
N GLN A 324 -7.27 1.41 -14.14
CA GLN A 324 -6.62 0.10 -13.96
C GLN A 324 -6.68 -0.72 -15.24
N ASN A 325 -7.18 -0.10 -16.30
CA ASN A 325 -7.34 -0.75 -17.60
C ASN A 325 -6.09 -1.44 -18.17
N LYS A 326 -4.91 -0.95 -17.81
CA LYS A 326 -3.65 -1.52 -18.31
C LYS A 326 -3.08 -2.62 -17.42
N GLN A 327 -3.70 -2.84 -16.26
CA GLN A 327 -3.24 -3.87 -15.33
C GLN A 327 -3.65 -5.27 -15.76
N PRO A 328 -2.79 -6.26 -15.52
CA PRO A 328 -3.11 -7.64 -15.90
C PRO A 328 -4.41 -8.12 -15.28
N SER A 329 -5.31 -8.61 -16.15
CA SER A 329 -6.64 -9.12 -15.79
C SER A 329 -7.64 -8.03 -15.47
N LEU A 330 -7.21 -6.77 -15.42
CA LEU A 330 -8.12 -5.69 -15.08
C LEU A 330 -8.64 -4.82 -16.23
N SER A 331 -8.74 -5.39 -17.42
CA SER A 331 -9.26 -4.63 -18.55
C SER A 331 -10.65 -4.09 -18.20
N GLY A 332 -10.87 -2.81 -18.50
CA GLY A 332 -12.16 -2.19 -18.23
C GLY A 332 -12.43 -1.79 -16.79
N CYS A 333 -11.42 -1.92 -15.93
CA CYS A 333 -11.58 -1.59 -14.51
C CYS A 333 -11.02 -0.23 -14.08
N LEU A 334 -11.75 0.41 -13.17
CA LEU A 334 -11.34 1.69 -12.60
C LEU A 334 -11.41 1.52 -11.09
N ARG A 335 -10.44 2.10 -10.39
CA ARG A 335 -10.41 2.00 -8.93
C ARG A 335 -10.92 3.31 -8.35
N ILE A 336 -11.98 3.21 -7.55
CA ILE A 336 -12.60 4.38 -6.95
C ILE A 336 -12.35 4.44 -5.45
N THR A 337 -11.69 5.49 -4.99
CA THR A 337 -11.43 5.63 -3.56
C THR A 337 -12.73 6.07 -2.90
N VAL A 338 -12.94 5.62 -1.66
CA VAL A 338 -14.12 5.97 -0.91
C VAL A 338 -13.88 7.30 -0.18
N GLY A 339 -14.66 8.32 -0.54
CA GLY A 339 -14.51 9.62 0.09
C GLY A 339 -15.71 9.94 0.94
N THR A 340 -16.20 11.18 0.83
CA THR A 340 -17.38 11.60 1.59
C THR A 340 -18.64 11.20 0.85
N ARG A 341 -19.78 11.30 1.53
CA ARG A 341 -21.05 10.96 0.92
C ARG A 341 -21.28 11.83 -0.32
N GLU A 342 -20.95 13.11 -0.22
CA GLU A 342 -21.12 14.04 -1.33
C GLU A 342 -20.27 13.60 -2.52
N GLU A 343 -19.04 13.18 -2.24
CA GLU A 343 -18.15 12.75 -3.30
C GLU A 343 -18.67 11.46 -3.94
N SER A 344 -19.22 10.56 -3.13
CA SER A 344 -19.76 9.31 -3.67
C SER A 344 -20.93 9.66 -4.57
N GLN A 345 -21.74 10.64 -4.16
CA GLN A 345 -22.89 11.02 -4.95
C GLN A 345 -22.46 11.65 -6.27
N ARG A 346 -21.35 12.38 -6.25
CA ARG A 346 -20.84 13.00 -7.48
C ARG A 346 -20.50 11.88 -8.46
N VAL A 347 -19.85 10.84 -7.96
CA VAL A 347 -19.47 9.70 -8.79
C VAL A 347 -20.72 8.99 -9.31
N ILE A 348 -21.66 8.70 -8.43
CA ILE A 348 -22.89 8.02 -8.81
C ILE A 348 -23.67 8.80 -9.87
N ASP A 349 -23.84 10.09 -9.64
CA ASP A 349 -24.58 10.94 -10.58
C ASP A 349 -23.88 11.04 -11.92
N ALA A 350 -22.55 11.14 -11.90
CA ALA A 350 -21.78 11.25 -13.14
C ALA A 350 -21.89 9.97 -13.94
N LEU A 351 -21.77 8.82 -13.26
CA LEU A 351 -21.86 7.54 -13.94
C LEU A 351 -23.23 7.32 -14.55
N ARG A 352 -24.28 7.74 -13.85
CA ARG A 352 -25.63 7.59 -14.36
C ARG A 352 -25.82 8.43 -15.62
N ALA A 353 -24.97 9.43 -15.79
CA ALA A 353 -25.03 10.31 -16.96
C ALA A 353 -24.45 9.67 -18.22
N GLU A 354 -23.84 8.50 -18.07
CA GLU A 354 -23.27 7.77 -19.20
C GLU A 354 -24.33 6.73 -19.60
N GLN A 355 -24.01 5.45 -19.45
CA GLN A 355 -24.94 4.35 -19.73
C GLN A 355 -25.35 3.98 -21.16
N VAL A 356 -24.71 4.55 -22.18
CA VAL A 356 -25.08 4.23 -23.56
C VAL A 356 -25.14 2.73 -23.84
N1 PMP B . 1.37 -0.49 -0.02
C2 PMP B . 0.20 -0.24 -0.77
C2A PMP B . -0.61 -1.44 -1.23
C3 PMP B . -0.20 1.06 -1.08
O3 PMP B . -1.35 1.26 -1.82
C4 PMP B . 0.59 2.15 -0.62
C4A PMP B . 0.13 3.58 -0.95
N4A PMP B . -0.62 3.69 -2.21
C5 PMP B . 1.83 1.83 0.19
C6 PMP B . 2.17 0.50 0.46
C5A PMP B . 2.71 2.96 0.71
O4P PMP B . 2.24 3.38 1.62
P PMP B . 3.08 4.73 2.09
O1P PMP B . 4.90 5.02 1.57
O2P PMP B . 3.19 4.41 3.99
O3P PMP B . 2.15 6.28 1.79
#